data_8UPC
#
_entry.id   8UPC
#
_cell.length_a   72.151
_cell.length_b   77.505
_cell.length_c   58.054
_cell.angle_alpha   90.00
_cell.angle_beta   90.00
_cell.angle_gamma   90.00
#
_symmetry.space_group_name_H-M   'P 21 21 2'
#
loop_
_entity.id
_entity.type
_entity.pdbx_description
1 polymer Asparaginase
2 non-polymer 'CHLORIDE ION'
3 non-polymer GLYCEROL
4 water water
#
_entity_poly.entity_id   1
_entity_poly.type   'polypeptide(L)'
_entity_poly.pdbx_seq_one_letter_code
;HHHHHHENLYFQSMAVSPSPLRIFTAGGTIDKDYRLEENGLVVGDPFVAEVLKTARLAGAVSIVALSRKDSLDFTEADRE
AIGRAVGQAVEDHILLTHGTDTMVETARYLGGLPELAGKTVVLSGAMVPGRVGGSDAAFNIGFACAAALMLAPGVYIAMH
GKVFDPAKTRMNRGLGRFEPIDDQE
;
_entity_poly.pdbx_strand_id   A,B
#
loop_
_chem_comp.id
_chem_comp.type
_chem_comp.name
_chem_comp.formula
CL non-polymer 'CHLORIDE ION' 'Cl -1'
GOL non-polymer GLYCEROL 'C3 H8 O3'
#
# COMPACT_ATOMS: atom_id res chain seq x y z
N SER A 13 -14.82 24.15 -14.05
CA SER A 13 -13.75 23.17 -14.44
C SER A 13 -12.51 23.25 -13.54
N MET A 14 -12.62 23.62 -12.26
CA MET A 14 -11.57 23.40 -11.23
CA MET A 14 -11.52 23.40 -11.29
C MET A 14 -11.35 21.89 -11.06
N ALA A 15 -10.13 21.40 -10.74
CA ALA A 15 -9.87 19.95 -10.63
C ALA A 15 -10.79 19.29 -9.60
N VAL A 16 -11.39 18.17 -9.98
CA VAL A 16 -12.15 17.30 -9.05
C VAL A 16 -11.42 15.98 -8.90
N SER A 17 -11.02 15.62 -7.69
CA SER A 17 -10.37 14.32 -7.40
C SER A 17 -11.43 13.24 -7.50
N PRO A 18 -11.21 12.23 -8.36
CA PRO A 18 -12.13 11.11 -8.44
C PRO A 18 -11.95 10.20 -7.23
N SER A 19 -12.93 9.34 -7.03
CA SER A 19 -12.93 8.30 -5.99
C SER A 19 -13.15 6.96 -6.67
N PRO A 20 -12.16 6.45 -7.46
CA PRO A 20 -12.35 5.27 -8.31
C PRO A 20 -12.41 3.95 -7.53
N LEU A 21 -12.01 3.95 -6.27
CA LEU A 21 -11.96 2.69 -5.49
C LEU A 21 -13.13 2.66 -4.52
N ARG A 22 -13.88 1.56 -4.46
CA ARG A 22 -14.84 1.27 -3.39
C ARG A 22 -14.35 0.05 -2.61
N ILE A 23 -14.52 0.14 -1.30
CA ILE A 23 -14.13 -0.94 -0.38
C ILE A 23 -15.38 -1.50 0.25
N PHE A 24 -15.45 -2.80 0.27
CA PHE A 24 -16.48 -3.54 1.01
C PHE A 24 -15.81 -4.29 2.15
N THR A 25 -16.47 -4.42 3.27
CA THR A 25 -15.88 -5.11 4.44
C THR A 25 -16.75 -6.30 4.79
N ALA A 26 -16.12 -7.44 4.96
CA ALA A 26 -16.80 -8.69 5.28
C ALA A 26 -16.26 -9.29 6.59
N GLY A 27 -15.55 -8.53 7.40
CA GLY A 27 -15.06 -8.99 8.69
C GLY A 27 -13.71 -9.66 8.60
N GLY A 28 -13.51 -10.67 9.43
CA GLY A 28 -12.26 -11.41 9.46
C GLY A 28 -11.34 -10.94 10.57
N THR A 29 -10.22 -11.62 10.66
CA THR A 29 -9.18 -11.34 11.68
C THR A 29 -8.77 -9.86 11.67
N ILE A 30 -8.66 -9.28 10.48
CA ILE A 30 -8.23 -7.88 10.38
C ILE A 30 -9.03 -7.00 11.31
N ASP A 31 -10.34 -7.24 11.44
CA ASP A 31 -11.27 -6.38 12.19
C ASP A 31 -11.48 -6.80 13.63
N LYS A 32 -10.78 -7.81 14.12
CA LYS A 32 -11.07 -8.31 15.48
C LYS A 32 -10.65 -7.30 16.55
N ASP A 33 -11.39 -7.28 17.63
CA ASP A 33 -11.15 -6.34 18.73
C ASP A 33 -11.60 -6.99 20.01
N TYR A 34 -11.02 -6.56 21.13
CA TYR A 34 -11.30 -7.17 22.43
C TYR A 34 -12.61 -6.62 22.98
N ARG A 35 -13.37 -7.51 23.61
CA ARG A 35 -14.57 -7.11 24.36
C ARG A 35 -14.53 -7.73 25.76
N LEU A 36 -14.77 -6.92 26.77
CA LEU A 36 -14.82 -7.39 28.20
C LEU A 36 -15.86 -8.52 28.34
N GLU A 37 -17.02 -8.35 27.71
CA GLU A 37 -18.17 -9.27 27.89
C GLU A 37 -17.78 -10.68 27.39
N GLU A 38 -17.02 -10.73 26.31
CA GLU A 38 -16.59 -12.00 25.69
C GLU A 38 -15.32 -12.55 26.33
N ASN A 39 -14.58 -11.74 27.09
CA ASN A 39 -13.24 -12.16 27.58
C ASN A 39 -12.40 -12.61 26.39
N GLY A 40 -12.50 -11.88 25.27
CA GLY A 40 -11.72 -12.25 24.10
C GLY A 40 -12.13 -11.41 22.92
N LEU A 41 -11.65 -11.83 21.75
CA LEU A 41 -11.88 -11.06 20.52
C LEU A 41 -13.25 -11.36 19.91
N VAL A 42 -13.81 -10.33 19.31
CA VAL A 42 -14.99 -10.41 18.41
C VAL A 42 -14.59 -9.72 17.11
N VAL A 43 -15.35 -9.92 16.06
CA VAL A 43 -15.23 -9.10 14.85
C VAL A 43 -15.82 -7.75 15.13
N GLY A 44 -14.98 -6.71 15.13
CA GLY A 44 -15.36 -5.34 15.45
C GLY A 44 -15.60 -4.49 14.23
N ASP A 45 -15.44 -3.20 14.43
CA ASP A 45 -15.60 -2.22 13.35
C ASP A 45 -14.50 -2.42 12.30
N PRO A 46 -14.75 -1.99 11.06
CA PRO A 46 -13.78 -2.23 9.98
C PRO A 46 -12.46 -1.49 10.14
N PHE A 47 -11.37 -2.21 10.26
CA PHE A 47 -10.06 -1.60 10.51
C PHE A 47 -9.59 -0.82 9.30
N VAL A 48 -10.01 -1.20 8.10
CA VAL A 48 -9.61 -0.44 6.90
C VAL A 48 -10.04 1.03 7.03
N ALA A 49 -11.17 1.31 7.67
CA ALA A 49 -11.57 2.72 7.83
C ALA A 49 -10.57 3.49 8.68
N GLU A 50 -10.01 2.85 9.71
CA GLU A 50 -9.01 3.47 10.59
CA GLU A 50 -9.03 3.52 10.58
C GLU A 50 -7.74 3.80 9.81
N VAL A 51 -7.31 2.90 8.95
CA VAL A 51 -6.10 3.11 8.15
C VAL A 51 -6.32 4.23 7.16
N LEU A 52 -7.46 4.27 6.49
CA LEU A 52 -7.67 5.29 5.46
C LEU A 52 -7.88 6.66 6.09
N LYS A 53 -8.37 6.74 7.31
CA LYS A 53 -8.58 8.01 8.00
C LYS A 53 -7.31 8.82 8.08
N THR A 54 -6.18 8.17 8.30
CA THR A 54 -4.90 8.87 8.49
C THR A 54 -4.02 8.79 7.24
N ALA A 55 -4.55 8.31 6.13
CA ALA A 55 -3.76 8.10 4.91
C ALA A 55 -3.56 9.40 4.14
N ARG A 56 -4.21 10.50 4.52
CA ARG A 56 -4.05 11.80 3.80
C ARG A 56 -4.34 11.64 2.31
N LEU A 57 -5.47 11.03 2.06
CA LEU A 57 -5.82 10.70 0.68
C LEU A 57 -6.05 11.97 -0.15
N ALA A 58 -5.67 11.91 -1.41
CA ALA A 58 -5.94 13.00 -2.37
C ALA A 58 -7.42 13.04 -2.70
N GLY A 59 -8.05 11.89 -2.86
CA GLY A 59 -9.48 11.78 -3.08
C GLY A 59 -10.10 11.22 -1.86
N ALA A 60 -11.00 10.31 -2.02
CA ALA A 60 -11.64 9.61 -0.90
C ALA A 60 -11.90 8.18 -1.33
N VAL A 61 -12.26 7.35 -0.39
CA VAL A 61 -12.66 5.96 -0.66
C VAL A 61 -13.97 5.74 0.04
N SER A 62 -14.88 5.15 -0.72
N SER A 62 -15.06 5.39 -0.68
CA SER A 62 -16.21 4.74 -0.25
CA SER A 62 -16.29 4.91 -0.02
C SER A 62 -16.10 3.39 0.45
C SER A 62 -16.00 3.50 0.51
N ILE A 63 -16.42 3.30 1.74
CA ILE A 63 -16.25 2.06 2.51
C ILE A 63 -17.63 1.65 2.95
N VAL A 64 -18.07 0.47 2.56
CA VAL A 64 -19.40 -0.09 2.84
C VAL A 64 -19.25 -1.41 3.58
N ALA A 65 -19.88 -1.51 4.73
CA ALA A 65 -19.81 -2.72 5.54
C ALA A 65 -20.87 -3.67 5.02
N LEU A 66 -20.47 -4.89 4.68
CA LEU A 66 -21.37 -5.94 4.21
C LEU A 66 -21.71 -6.94 5.32
N SER A 67 -20.74 -7.38 6.11
CA SER A 67 -20.94 -8.43 7.14
C SER A 67 -19.81 -8.42 8.16
N ARG A 68 -20.08 -9.04 9.30
CA ARG A 68 -19.10 -9.20 10.41
C ARG A 68 -18.98 -10.62 10.92
N LYS A 69 -18.73 -11.60 10.08
CA LYS A 69 -18.34 -12.95 10.54
C LYS A 69 -16.88 -13.25 10.14
N PHE A 74 -19.99 -18.96 7.01
CA PHE A 74 -20.14 -18.24 5.71
C PHE A 74 -20.90 -19.12 4.71
N THR A 75 -22.18 -18.78 4.53
CA THR A 75 -23.12 -19.52 3.65
C THR A 75 -22.92 -19.03 2.22
N GLU A 76 -23.35 -19.84 1.24
CA GLU A 76 -23.42 -19.41 -0.18
C GLU A 76 -24.22 -18.11 -0.27
N ALA A 77 -25.25 -17.94 0.59
CA ALA A 77 -26.06 -16.71 0.71
C ALA A 77 -25.14 -15.51 0.98
N ASP A 78 -24.14 -15.66 1.84
CA ASP A 78 -23.22 -14.57 2.26
C ASP A 78 -22.31 -14.21 1.08
N ARG A 79 -21.72 -15.22 0.43
CA ARG A 79 -20.94 -15.00 -0.82
C ARG A 79 -21.84 -14.38 -1.90
N GLU A 80 -23.09 -14.83 -2.04
CA GLU A 80 -24.02 -14.26 -3.05
C GLU A 80 -24.28 -12.78 -2.78
N ALA A 81 -24.50 -12.36 -1.53
CA ALA A 81 -24.72 -10.93 -1.19
C ALA A 81 -23.47 -10.17 -1.57
N ILE A 82 -22.29 -10.72 -1.31
CA ILE A 82 -21.03 -10.03 -1.67
C ILE A 82 -20.97 -9.83 -3.19
N GLY A 83 -21.26 -10.87 -3.96
CA GLY A 83 -21.25 -10.76 -5.43
C GLY A 83 -22.23 -9.70 -5.93
N ARG A 84 -23.43 -9.63 -5.34
CA ARG A 84 -24.45 -8.61 -5.68
C ARG A 84 -23.88 -7.21 -5.39
N ALA A 85 -23.30 -7.03 -4.22
CA ALA A 85 -22.78 -5.69 -3.85
C ALA A 85 -21.66 -5.28 -4.80
N VAL A 86 -20.74 -6.19 -5.08
CA VAL A 86 -19.60 -5.89 -5.96
C VAL A 86 -20.10 -5.61 -7.38
N GLY A 87 -21.04 -6.41 -7.87
CA GLY A 87 -21.51 -6.26 -9.26
C GLY A 87 -22.28 -4.97 -9.44
N GLN A 88 -22.99 -4.51 -8.40
CA GLN A 88 -23.86 -3.31 -8.48
CA GLN A 88 -23.86 -3.31 -8.46
C GLN A 88 -23.06 -2.02 -8.28
N ALA A 89 -21.82 -2.09 -7.78
CA ALA A 89 -20.99 -0.88 -7.62
C ALA A 89 -20.77 -0.20 -8.97
N VAL A 90 -20.80 1.11 -8.98
CA VAL A 90 -20.42 1.89 -10.20
C VAL A 90 -18.92 1.80 -10.45
N GLU A 91 -18.15 1.74 -9.38
CA GLU A 91 -16.68 1.70 -9.51
C GLU A 91 -16.20 0.40 -10.18
N ASP A 92 -15.07 0.50 -10.91
CA ASP A 92 -14.43 -0.66 -11.55
C ASP A 92 -13.18 -1.12 -10.81
N HIS A 93 -12.93 -0.57 -9.63
CA HIS A 93 -11.78 -0.93 -8.77
C HIS A 93 -12.38 -1.19 -7.40
N ILE A 94 -12.25 -2.41 -6.91
CA ILE A 94 -12.94 -2.86 -5.69
C ILE A 94 -11.94 -3.60 -4.79
N LEU A 95 -11.95 -3.27 -3.52
CA LEU A 95 -11.22 -4.01 -2.49
C LEU A 95 -12.23 -4.57 -1.50
N LEU A 96 -12.11 -5.84 -1.19
CA LEU A 96 -12.94 -6.53 -0.20
C LEU A 96 -12.02 -6.98 0.92
N THR A 97 -12.26 -6.50 2.13
CA THR A 97 -11.51 -6.98 3.31
C THR A 97 -12.30 -8.13 3.90
N HIS A 98 -11.58 -9.17 4.31
CA HIS A 98 -12.20 -10.49 4.53
C HIS A 98 -11.29 -11.34 5.43
N GLY A 99 -11.88 -12.35 6.05
CA GLY A 99 -11.09 -13.37 6.77
C GLY A 99 -10.24 -14.18 5.81
N THR A 100 -9.09 -14.66 6.23
CA THR A 100 -8.21 -15.45 5.35
C THR A 100 -8.69 -16.91 5.21
N ASP A 101 -9.46 -17.42 6.17
CA ASP A 101 -9.83 -18.86 6.16
C ASP A 101 -10.69 -19.23 4.94
N THR A 102 -11.61 -18.37 4.48
CA THR A 102 -12.39 -18.73 3.27
C THR A 102 -12.22 -17.71 2.09
N MET A 103 -11.14 -16.79 2.19
CA MET A 103 -10.86 -15.83 1.17
C MET A 103 -10.77 -16.51 -0.20
N VAL A 104 -10.11 -17.68 -0.29
CA VAL A 104 -9.97 -18.34 -1.61
C VAL A 104 -11.38 -18.71 -2.13
N GLU A 105 -12.22 -19.29 -1.29
CA GLU A 105 -13.59 -19.66 -1.72
C GLU A 105 -14.40 -18.45 -2.20
N THR A 106 -14.34 -17.32 -1.50
CA THR A 106 -15.06 -16.12 -1.94
C THR A 106 -14.45 -15.66 -3.27
N ALA A 107 -13.12 -15.60 -3.36
CA ALA A 107 -12.48 -15.06 -4.57
C ALA A 107 -12.84 -15.93 -5.79
N ARG A 108 -12.80 -17.24 -5.62
CA ARG A 108 -13.16 -18.17 -6.73
C ARG A 108 -14.61 -17.96 -7.14
N TYR A 109 -15.51 -17.81 -6.18
CA TYR A 109 -16.93 -17.50 -6.48
C TYR A 109 -17.05 -16.21 -7.30
N LEU A 110 -16.42 -15.13 -6.89
CA LEU A 110 -16.51 -13.84 -7.60
C LEU A 110 -15.95 -13.97 -9.00
N GLY A 111 -14.91 -14.76 -9.19
CA GLY A 111 -14.28 -14.93 -10.51
C GLY A 111 -15.19 -15.62 -11.50
N GLY A 112 -16.27 -16.27 -11.05
CA GLY A 112 -17.27 -16.91 -11.93
C GLY A 112 -18.42 -16.01 -12.35
N LEU A 113 -18.45 -14.75 -11.95
CA LEU A 113 -19.60 -13.84 -12.23
C LEU A 113 -19.29 -12.98 -13.44
N PRO A 114 -19.99 -13.17 -14.57
CA PRO A 114 -19.66 -12.41 -15.78
C PRO A 114 -19.80 -10.88 -15.63
N GLU A 115 -20.70 -10.44 -14.76
CA GLU A 115 -20.97 -9.00 -14.45
C GLU A 115 -19.77 -8.33 -13.78
N LEU A 116 -18.80 -9.10 -13.30
CA LEU A 116 -17.57 -8.48 -12.75
C LEU A 116 -16.49 -8.35 -13.83
N ALA A 117 -16.74 -8.70 -15.09
CA ALA A 117 -15.66 -8.92 -16.08
C ALA A 117 -14.78 -7.67 -16.31
N GLY A 118 -15.33 -6.46 -16.19
CA GLY A 118 -14.57 -5.21 -16.39
C GLY A 118 -14.02 -4.61 -15.09
N LYS A 119 -14.17 -5.31 -13.99
CA LYS A 119 -13.75 -4.77 -12.67
C LYS A 119 -12.43 -5.43 -12.26
N THR A 120 -11.58 -4.68 -11.57
CA THR A 120 -10.46 -5.21 -10.81
C THR A 120 -10.94 -5.37 -9.38
N VAL A 121 -10.98 -6.61 -8.91
CA VAL A 121 -11.52 -6.97 -7.58
C VAL A 121 -10.41 -7.65 -6.81
N VAL A 122 -10.00 -7.08 -5.68
CA VAL A 122 -8.92 -7.58 -4.82
C VAL A 122 -9.49 -7.93 -3.46
N LEU A 123 -9.15 -9.10 -2.96
CA LEU A 123 -9.46 -9.46 -1.57
C LEU A 123 -8.16 -9.33 -0.74
N SER A 124 -8.33 -8.82 0.48
CA SER A 124 -7.20 -8.74 1.41
C SER A 124 -7.73 -8.79 2.83
N GLY A 125 -6.82 -8.74 3.77
CA GLY A 125 -7.12 -8.88 5.19
C GLY A 125 -5.83 -8.87 5.95
N ALA A 126 -5.75 -9.62 7.04
CA ALA A 126 -4.54 -9.60 7.88
C ALA A 126 -4.42 -10.91 8.61
N MET A 127 -3.21 -11.35 8.84
CA MET A 127 -2.95 -12.52 9.69
C MET A 127 -3.07 -12.17 11.16
N VAL A 128 -2.85 -10.92 11.51
CA VAL A 128 -2.94 -10.41 12.90
C VAL A 128 -3.95 -9.28 12.93
N PRO A 129 -4.89 -9.22 13.88
CA PRO A 129 -5.85 -8.12 13.90
C PRO A 129 -5.17 -6.75 13.85
N GLY A 130 -5.77 -5.78 13.16
CA GLY A 130 -5.16 -4.44 13.13
C GLY A 130 -5.04 -3.80 14.49
N ARG A 131 -5.94 -4.13 15.40
CA ARG A 131 -5.94 -3.55 16.75
C ARG A 131 -5.03 -4.31 17.72
N VAL A 132 -4.28 -5.29 17.25
CA VAL A 132 -3.26 -5.96 18.05
C VAL A 132 -1.90 -5.47 17.59
N GLY A 133 -0.96 -5.32 18.53
CA GLY A 133 0.39 -4.86 18.21
C GLY A 133 1.05 -5.80 17.20
N GLY A 134 1.84 -5.23 16.29
CA GLY A 134 2.61 -6.01 15.33
C GLY A 134 1.80 -6.51 14.16
N SER A 135 0.73 -5.84 13.78
CA SER A 135 -0.15 -6.32 12.69
C SER A 135 0.37 -5.96 11.32
N ASP A 136 0.12 -6.85 10.38
CA ASP A 136 0.34 -6.65 8.93
C ASP A 136 -0.76 -5.81 8.27
N ALA A 137 -1.82 -5.45 9.00
CA ALA A 137 -3.03 -4.90 8.37
C ALA A 137 -2.77 -3.63 7.59
N ALA A 138 -2.11 -2.62 8.16
CA ALA A 138 -1.97 -1.32 7.46
C ALA A 138 -1.18 -1.48 6.17
N PHE A 139 -0.07 -2.23 6.21
CA PHE A 139 0.69 -2.53 5.00
C PHE A 139 -0.22 -3.21 3.98
N ASN A 140 -0.95 -4.24 4.40
CA ASN A 140 -1.79 -5.00 3.45
C ASN A 140 -2.84 -4.09 2.83
N ILE A 141 -3.39 -3.17 3.62
CA ILE A 141 -4.41 -2.26 3.07
C ILE A 141 -3.77 -1.34 2.02
N GLY A 142 -2.61 -0.78 2.30
CA GLY A 142 -2.01 0.10 1.28
C GLY A 142 -1.69 -0.68 0.03
N PHE A 143 -1.09 -1.87 0.18
CA PHE A 143 -0.74 -2.72 -0.97
C PHE A 143 -1.97 -3.09 -1.78
N ALA A 144 -3.03 -3.48 -1.08
CA ALA A 144 -4.25 -3.94 -1.77
C ALA A 144 -5.00 -2.80 -2.45
N CYS A 145 -5.00 -1.61 -1.86
CA CYS A 145 -5.60 -0.44 -2.53
C CYS A 145 -4.89 -0.19 -3.85
N ALA A 146 -3.56 -0.15 -3.81
CA ALA A 146 -2.80 0.02 -5.05
C ALA A 146 -3.12 -1.10 -6.04
N ALA A 147 -3.12 -2.34 -5.58
CA ALA A 147 -3.42 -3.47 -6.47
C ALA A 147 -4.78 -3.30 -7.13
N ALA A 148 -5.77 -2.92 -6.37
CA ALA A 148 -7.13 -2.75 -6.92
C ALA A 148 -7.14 -1.66 -7.98
N LEU A 149 -6.34 -0.64 -7.83
CA LEU A 149 -6.26 0.46 -8.81
C LEU A 149 -5.44 0.08 -10.03
N MET A 150 -4.41 -0.74 -9.90
CA MET A 150 -3.40 -0.92 -10.95
C MET A 150 -3.55 -2.24 -11.70
N LEU A 151 -4.07 -3.30 -11.11
CA LEU A 151 -4.13 -4.59 -11.81
C LEU A 151 -5.19 -4.52 -12.91
N ALA A 152 -4.97 -5.32 -13.94
CA ALA A 152 -5.96 -5.51 -15.00
C ALA A 152 -7.22 -6.15 -14.44
N PRO A 153 -8.37 -6.00 -15.09
CA PRO A 153 -9.60 -6.64 -14.62
C PRO A 153 -9.40 -8.13 -14.27
N GLY A 154 -10.07 -8.54 -13.21
CA GLY A 154 -9.98 -9.91 -12.70
C GLY A 154 -10.24 -9.94 -11.21
N VAL A 155 -10.05 -11.08 -10.61
CA VAL A 155 -10.21 -11.26 -9.14
C VAL A 155 -8.89 -11.78 -8.62
N TYR A 156 -8.41 -11.14 -7.57
CA TYR A 156 -7.07 -11.42 -7.00
C TYR A 156 -7.15 -11.48 -5.49
N ILE A 157 -6.18 -12.15 -4.89
CA ILE A 157 -5.88 -12.02 -3.44
C ILE A 157 -4.58 -11.27 -3.32
N ALA A 158 -4.54 -10.21 -2.51
CA ALA A 158 -3.29 -9.48 -2.28
C ALA A 158 -2.95 -9.63 -0.81
N MET A 159 -1.89 -10.36 -0.50
CA MET A 159 -1.44 -10.62 0.89
C MET A 159 0.06 -10.80 0.85
N HIS A 160 0.76 -10.50 1.95
CA HIS A 160 2.19 -10.84 2.02
C HIS A 160 2.99 -10.10 0.95
N GLY A 161 2.52 -8.93 0.52
CA GLY A 161 3.25 -8.16 -0.51
C GLY A 161 3.29 -8.83 -1.87
N LYS A 162 2.28 -9.66 -2.12
CA LYS A 162 2.21 -10.49 -3.33
C LYS A 162 0.79 -10.56 -3.85
N VAL A 163 0.68 -10.77 -5.15
CA VAL A 163 -0.62 -10.98 -5.81
C VAL A 163 -0.78 -12.47 -6.10
N PHE A 164 -1.89 -13.01 -5.71
CA PHE A 164 -2.23 -14.44 -5.85
C PHE A 164 -3.42 -14.61 -6.78
N ASP A 165 -3.31 -15.63 -7.63
CA ASP A 165 -4.41 -16.10 -8.49
C ASP A 165 -5.32 -17.01 -7.67
N PRO A 166 -6.60 -16.68 -7.42
CA PRO A 166 -7.44 -17.50 -6.53
C PRO A 166 -7.57 -18.96 -6.95
N ALA A 167 -7.49 -19.27 -8.24
CA ALA A 167 -7.65 -20.66 -8.72
C ALA A 167 -6.40 -21.49 -8.41
N LYS A 168 -5.28 -20.84 -8.09
CA LYS A 168 -3.96 -21.46 -7.86
C LYS A 168 -3.34 -20.99 -6.55
N THR A 169 -4.16 -20.91 -5.51
CA THR A 169 -3.71 -20.46 -4.18
C THR A 169 -4.34 -21.30 -3.09
N ARG A 170 -3.56 -21.53 -2.05
CA ARG A 170 -4.08 -22.11 -0.77
C ARG A 170 -3.39 -21.43 0.42
N MET A 171 -4.06 -21.42 1.59
CA MET A 171 -3.42 -21.08 2.90
C MET A 171 -2.51 -22.22 3.37
N ASN A 172 -1.24 -21.93 3.61
CA ASN A 172 -0.29 -22.89 4.23
C ASN A 172 -0.22 -22.56 5.73
N ARG A 173 -0.90 -23.36 6.55
CA ARG A 173 -1.12 -23.08 7.99
C ARG A 173 0.22 -23.16 8.72
N GLY A 174 1.09 -24.13 8.40
CA GLY A 174 2.41 -24.27 9.05
C GLY A 174 3.26 -23.03 8.80
N LEU A 175 3.14 -22.45 7.62
CA LEU A 175 3.90 -21.28 7.17
C LEU A 175 3.22 -19.98 7.67
N GLY A 176 1.91 -19.99 7.90
CA GLY A 176 1.11 -18.80 8.23
C GLY A 176 0.95 -17.84 7.06
N ARG A 177 1.05 -18.32 5.81
CA ARG A 177 0.87 -17.50 4.60
C ARG A 177 0.10 -18.30 3.53
N PHE A 178 -0.65 -17.59 2.69
CA PHE A 178 -1.05 -18.11 1.36
C PHE A 178 0.20 -18.48 0.58
N GLU A 179 0.04 -19.49 -0.27
CA GLU A 179 1.11 -19.88 -1.23
C GLU A 179 0.43 -20.23 -2.55
N PRO A 180 1.19 -20.12 -3.64
CA PRO A 180 0.72 -20.56 -4.93
C PRO A 180 0.67 -22.10 -4.96
N ILE A 181 -0.21 -22.61 -5.79
CA ILE A 181 -0.30 -24.06 -6.11
C ILE A 181 0.39 -24.25 -7.46
N ASP A 182 1.52 -24.95 -7.44
CA ASP A 182 2.34 -25.21 -8.66
C ASP A 182 1.54 -26.13 -9.59
N ASP A 183 1.57 -25.84 -10.90
CA ASP A 183 1.07 -26.80 -11.94
C ASP A 183 1.84 -28.12 -11.82
N GLN A 184 1.14 -29.25 -12.02
CA GLN A 184 1.70 -30.62 -11.96
C GLN A 184 2.32 -31.03 -13.28
C PRO B 18 8.68 -11.76 -8.66
N SER B 19 8.62 -10.45 -8.89
CA SER B 19 9.80 -9.58 -9.12
C SER B 19 10.41 -9.11 -7.80
N PRO B 20 11.71 -9.35 -7.57
CA PRO B 20 12.40 -8.81 -6.42
C PRO B 20 12.37 -7.27 -6.32
N LEU B 21 12.00 -6.76 -5.15
CA LEU B 21 12.02 -5.29 -4.89
C LEU B 21 13.27 -4.88 -4.14
N ARG B 22 13.93 -3.84 -4.60
CA ARG B 22 15.02 -3.19 -3.85
CA ARG B 22 15.03 -3.20 -3.85
C ARG B 22 14.51 -1.88 -3.27
N ILE B 23 14.72 -1.70 -2.00
CA ILE B 23 14.29 -0.50 -1.26
C ILE B 23 15.52 0.29 -0.82
N PHE B 24 15.58 1.54 -1.19
CA PHE B 24 16.62 2.49 -0.76
C PHE B 24 16.03 3.48 0.20
N THR B 25 16.78 3.87 1.21
CA THR B 25 16.29 4.84 2.20
C THR B 25 17.15 6.08 2.20
N ALA B 26 16.50 7.22 1.98
CA ALA B 26 17.21 8.50 1.88
C ALA B 26 16.77 9.45 2.98
N GLY B 27 16.07 8.95 4.00
CA GLY B 27 15.70 9.75 5.15
C GLY B 27 14.30 10.36 5.02
N GLY B 28 14.15 11.53 5.62
CA GLY B 28 12.91 12.31 5.54
C GLY B 28 12.02 12.15 6.77
N THR B 29 10.93 12.90 6.74
CA THR B 29 9.95 12.91 7.85
C THR B 29 9.54 11.48 8.25
N ILE B 30 9.33 10.61 7.28
CA ILE B 30 8.92 9.24 7.55
C ILE B 30 9.77 8.61 8.65
N ASP B 31 11.08 8.87 8.66
CA ASP B 31 12.03 8.20 9.53
C ASP B 31 12.32 8.97 10.80
N LYS B 32 11.66 10.10 11.05
CA LYS B 32 12.04 10.94 12.19
C LYS B 32 11.66 10.26 13.51
N ASP B 33 12.45 10.51 14.53
CA ASP B 33 12.25 9.93 15.86
C ASP B 33 12.77 10.89 16.90
N TYR B 34 12.26 10.79 18.11
CA TYR B 34 12.62 11.74 19.17
C TYR B 34 13.96 11.36 19.78
N ARG B 35 14.78 12.37 20.08
CA ARG B 35 16.03 12.19 20.83
C ARG B 35 16.10 13.20 21.97
N LEU B 36 16.42 12.71 23.15
CA LEU B 36 16.55 13.57 24.35
C LEU B 36 17.61 14.66 24.11
N GLU B 37 18.74 14.28 23.51
CA GLU B 37 19.88 15.23 23.36
C GLU B 37 19.46 16.44 22.51
N GLU B 38 18.63 16.23 21.51
CA GLU B 38 18.18 17.29 20.59
C GLU B 38 16.92 17.95 21.13
N ASN B 39 16.25 17.36 22.13
CA ASN B 39 14.95 17.89 22.61
C ASN B 39 13.99 17.96 21.43
N GLY B 40 14.02 16.98 20.54
CA GLY B 40 13.18 17.01 19.36
C GLY B 40 13.50 15.88 18.42
N LEU B 41 12.93 16.01 17.23
CA LEU B 41 13.05 14.93 16.23
C LEU B 41 14.36 15.05 15.47
N VAL B 42 14.90 13.90 15.14
CA VAL B 42 16.01 13.76 14.19
C VAL B 42 15.61 12.68 13.20
N VAL B 43 16.28 12.59 12.05
CA VAL B 43 16.07 11.43 11.15
C VAL B 43 16.73 10.23 11.80
N GLY B 44 15.93 9.22 12.10
CA GLY B 44 16.36 7.99 12.76
C GLY B 44 16.48 6.83 11.81
N ASP B 45 16.36 5.63 12.34
CA ASP B 45 16.47 4.40 11.56
C ASP B 45 15.31 4.31 10.58
N PRO B 46 15.49 3.69 9.39
CA PRO B 46 14.44 3.69 8.39
C PRO B 46 13.14 3.01 8.83
N PHE B 47 12.04 3.74 8.75
CA PHE B 47 10.74 3.22 9.21
C PHE B 47 10.24 2.11 8.32
N VAL B 48 10.65 2.09 7.05
CA VAL B 48 10.21 1.02 6.12
C VAL B 48 10.65 -0.33 6.68
N ALA B 49 11.78 -0.44 7.33
CA ALA B 49 12.21 -1.71 7.91
C ALA B 49 11.25 -2.15 9.01
N GLU B 50 10.73 -1.22 9.80
CA GLU B 50 9.76 -1.55 10.87
C GLU B 50 8.47 -2.05 10.27
N VAL B 51 7.98 -1.45 9.21
CA VAL B 51 6.73 -1.89 8.56
C VAL B 51 6.93 -3.25 7.93
N LEU B 52 8.05 -3.46 7.24
CA LEU B 52 8.21 -4.74 6.53
C LEU B 52 8.51 -5.89 7.51
N LYS B 53 9.01 -5.61 8.70
CA LYS B 53 9.28 -6.67 9.71
C LYS B 53 8.00 -7.41 10.06
N THR B 54 6.85 -6.75 10.08
CA THR B 54 5.56 -7.33 10.47
C THR B 54 4.67 -7.61 9.26
N ALA B 55 5.16 -7.41 8.03
CA ALA B 55 4.33 -7.55 6.82
C ALA B 55 4.17 -9.00 6.39
N ARG B 56 4.91 -9.93 6.99
CA ARG B 56 4.79 -11.38 6.66
C ARG B 56 4.97 -11.56 5.16
N LEU B 57 6.06 -11.02 4.63
CA LEU B 57 6.26 -11.03 3.17
C LEU B 57 6.48 -12.43 2.62
N ALA B 58 5.93 -12.66 1.44
CA ALA B 58 6.10 -13.96 0.78
C ALA B 58 7.35 -14.00 -0.07
N GLY B 59 7.79 -12.86 -0.59
CA GLY B 59 8.80 -12.82 -1.64
C GLY B 59 10.01 -12.01 -1.27
N ALA B 60 10.78 -11.71 -2.35
CA ALA B 60 12.16 -11.22 -2.37
C ALA B 60 12.12 -9.70 -2.12
N VAL B 61 12.74 -9.32 -0.98
CA VAL B 61 13.00 -7.88 -0.68
C VAL B 61 14.35 -7.66 0.00
N SER B 62 14.98 -6.53 -0.30
CA SER B 62 16.14 -6.08 0.45
C SER B 62 16.15 -4.55 0.54
N ILE B 63 16.69 -4.08 1.62
CA ILE B 63 16.69 -2.63 1.98
C ILE B 63 18.11 -2.18 2.12
N VAL B 64 18.43 -1.03 1.56
CA VAL B 64 19.77 -0.44 1.55
C VAL B 64 19.62 1.00 2.05
N ALA B 65 20.44 1.37 3.03
CA ALA B 65 20.49 2.76 3.51
C ALA B 65 21.37 3.63 2.61
N LEU B 66 20.87 4.80 2.20
CA LEU B 66 21.67 5.79 1.44
C LEU B 66 22.01 7.05 2.19
N SER B 67 21.10 7.58 2.97
CA SER B 67 21.29 8.87 3.62
C SER B 67 20.33 9.01 4.79
N ARG B 68 20.73 9.85 5.73
CA ARG B 68 19.82 10.41 6.75
C ARG B 68 19.82 11.93 6.72
N LYS B 69 20.42 12.54 5.69
CA LYS B 69 20.64 14.00 5.50
C LYS B 69 19.28 14.65 5.19
N ASP B 70 19.10 15.91 5.57
CA ASP B 70 17.80 16.62 5.37
C ASP B 70 17.58 16.80 3.87
N SER B 71 16.43 16.38 3.31
CA SER B 71 16.13 16.43 1.83
C SER B 71 16.25 17.86 1.31
N LEU B 72 16.01 18.88 2.15
CA LEU B 72 16.24 20.30 1.78
C LEU B 72 17.73 20.54 1.52
N ASP B 73 18.61 19.72 2.10
CA ASP B 73 20.08 19.94 2.05
C ASP B 73 20.71 19.08 0.95
N PHE B 74 19.91 18.30 0.21
CA PHE B 74 20.40 17.54 -0.97
C PHE B 74 20.85 18.52 -2.07
N THR B 75 22.06 18.28 -2.57
CA THR B 75 22.73 18.99 -3.68
C THR B 75 22.53 18.24 -4.99
N GLU B 76 22.92 18.82 -6.12
CA GLU B 76 22.88 18.13 -7.42
C GLU B 76 23.80 16.91 -7.31
N ALA B 77 24.95 17.06 -6.65
CA ALA B 77 25.88 15.95 -6.37
C ALA B 77 25.18 14.79 -5.63
N ASP B 78 24.39 15.09 -4.60
CA ASP B 78 23.60 14.08 -3.85
C ASP B 78 22.60 13.36 -4.74
N ARG B 79 21.85 14.07 -5.55
CA ARG B 79 20.91 13.45 -6.49
C ARG B 79 21.69 12.57 -7.48
N GLU B 80 22.86 13.03 -7.98
CA GLU B 80 23.66 12.20 -8.92
C GLU B 80 24.06 10.89 -8.19
N ALA B 81 24.46 10.96 -6.94
CA ALA B 81 24.90 9.77 -6.16
C ALA B 81 23.69 8.86 -5.90
N ILE B 82 22.51 9.40 -5.64
CA ILE B 82 21.31 8.55 -5.50
C ILE B 82 21.05 7.84 -6.82
N GLY B 83 21.16 8.56 -7.94
CA GLY B 83 20.95 7.94 -9.25
C GLY B 83 21.91 6.80 -9.48
N ARG B 84 23.21 7.04 -9.17
CA ARG B 84 24.21 5.96 -9.39
C ARG B 84 23.88 4.78 -8.47
N ALA B 85 23.46 5.07 -7.23
CA ALA B 85 23.16 3.97 -6.28
C ALA B 85 21.98 3.13 -6.79
N VAL B 86 20.92 3.79 -7.29
CA VAL B 86 19.78 3.03 -7.85
C VAL B 86 20.25 2.19 -9.07
N GLY B 87 21.17 2.72 -9.86
CA GLY B 87 21.74 2.02 -11.02
C GLY B 87 22.57 0.81 -10.62
N GLN B 88 23.06 0.74 -9.40
CA GLN B 88 23.81 -0.43 -8.91
C GLN B 88 22.92 -1.61 -8.66
N ALA B 89 21.62 -1.42 -8.50
CA ALA B 89 20.69 -2.53 -8.26
C ALA B 89 20.41 -3.22 -9.58
N VAL B 90 20.52 -4.50 -9.62
CA VAL B 90 20.09 -5.24 -10.83
C VAL B 90 18.57 -5.35 -10.83
N GLU B 91 17.87 -5.20 -9.70
CA GLU B 91 16.38 -5.23 -9.64
C GLU B 91 15.83 -4.17 -10.56
N ASP B 92 14.70 -4.49 -11.17
CA ASP B 92 14.00 -3.53 -12.02
C ASP B 92 12.80 -2.91 -11.31
N HIS B 93 12.58 -3.22 -10.06
CA HIS B 93 11.47 -2.69 -9.22
C HIS B 93 12.13 -2.07 -8.00
N ILE B 94 11.96 -0.75 -7.84
CA ILE B 94 12.71 0.04 -6.85
C ILE B 94 11.75 0.93 -6.07
N LEU B 95 11.87 0.94 -4.75
CA LEU B 95 11.23 1.92 -3.88
C LEU B 95 12.30 2.77 -3.22
N LEU B 96 12.15 4.09 -3.24
CA LEU B 96 13.05 5.00 -2.57
C LEU B 96 12.23 5.81 -1.56
N THR B 97 12.50 5.63 -0.28
CA THR B 97 11.83 6.42 0.77
C THR B 97 12.64 7.69 0.97
N HIS B 98 11.97 8.83 1.17
CA HIS B 98 12.61 10.13 0.99
C HIS B 98 11.77 11.21 1.71
N GLY B 99 12.40 12.33 1.99
CA GLY B 99 11.64 13.51 2.46
C GLY B 99 10.73 14.05 1.38
N THR B 100 9.60 14.65 1.74
CA THR B 100 8.68 15.20 0.74
C THR B 100 9.15 16.58 0.26
N ASP B 101 9.98 17.31 0.99
CA ASP B 101 10.37 18.69 0.57
C ASP B 101 11.02 18.70 -0.81
N THR B 102 11.92 17.76 -1.09
CA THR B 102 12.63 17.76 -2.40
C THR B 102 12.43 16.43 -3.15
N MET B 103 11.35 15.71 -2.83
CA MET B 103 10.99 14.45 -3.50
C MET B 103 10.81 14.70 -5.01
N VAL B 104 10.12 15.78 -5.37
CA VAL B 104 9.87 16.06 -6.81
C VAL B 104 11.23 16.32 -7.51
N GLU B 105 12.14 17.05 -6.89
CA GLU B 105 13.47 17.28 -7.51
C GLU B 105 14.25 15.98 -7.71
N THR B 106 14.31 15.10 -6.71
CA THR B 106 14.99 13.82 -6.91
C THR B 106 14.27 13.04 -8.01
N ALA B 107 12.94 12.94 -7.96
CA ALA B 107 12.22 12.12 -8.93
C ALA B 107 12.48 12.62 -10.35
N ARG B 108 12.37 13.92 -10.55
CA ARG B 108 12.60 14.49 -11.92
C ARG B 108 14.02 14.18 -12.40
N TYR B 109 14.99 14.28 -11.50
CA TYR B 109 16.40 13.97 -11.83
C TYR B 109 16.50 12.49 -12.27
N LEU B 110 15.96 11.57 -11.48
CA LEU B 110 16.04 10.14 -11.82
C LEU B 110 15.34 9.85 -13.14
N GLY B 111 14.24 10.53 -13.42
CA GLY B 111 13.46 10.31 -14.65
C GLY B 111 14.23 10.66 -15.90
N GLY B 112 15.28 11.46 -15.78
CA GLY B 112 16.09 11.90 -16.91
C GLY B 112 17.28 11.00 -17.18
N LEU B 113 17.52 9.96 -16.39
CA LEU B 113 18.75 9.10 -16.50
C LEU B 113 18.43 7.95 -17.45
N PRO B 114 19.04 7.91 -18.65
CA PRO B 114 18.75 6.78 -19.55
C PRO B 114 19.13 5.42 -18.91
N GLU B 115 20.13 5.43 -18.02
CA GLU B 115 20.61 4.25 -17.24
C GLU B 115 19.45 3.56 -16.51
N LEU B 116 18.42 4.31 -16.10
CA LEU B 116 17.33 3.74 -15.26
C LEU B 116 16.08 3.45 -16.11
N ALA B 117 16.15 3.53 -17.44
CA ALA B 117 14.94 3.58 -18.29
C ALA B 117 14.08 2.29 -18.22
N GLY B 118 14.69 1.14 -17.94
CA GLY B 118 13.98 -0.15 -17.82
C GLY B 118 13.44 -0.40 -16.42
N LYS B 119 13.75 0.45 -15.46
CA LYS B 119 13.31 0.25 -14.08
C LYS B 119 11.99 0.99 -13.81
N THR B 120 11.21 0.39 -12.91
CA THR B 120 10.09 1.06 -12.23
C THR B 120 10.62 1.61 -10.91
N VAL B 121 10.69 2.92 -10.77
CA VAL B 121 11.25 3.56 -9.58
C VAL B 121 10.13 4.38 -8.96
N VAL B 122 9.78 4.08 -7.72
CA VAL B 122 8.73 4.82 -6.98
C VAL B 122 9.35 5.51 -5.79
N LEU B 123 9.12 6.79 -5.62
CA LEU B 123 9.48 7.54 -4.42
C LEU B 123 8.24 7.63 -3.53
N SER B 124 8.47 7.48 -2.23
CA SER B 124 7.39 7.69 -1.24
C SER B 124 8.04 8.10 0.06
N GLY B 125 7.17 8.32 1.04
CA GLY B 125 7.56 8.88 2.34
C GLY B 125 6.32 9.06 3.17
N ALA B 126 6.30 10.08 4.00
CA ALA B 126 5.14 10.31 4.88
C ALA B 126 5.06 11.76 5.26
N MET B 127 3.85 12.26 5.43
CA MET B 127 3.67 13.61 5.95
C MET B 127 3.86 13.67 7.47
N VAL B 128 3.64 12.55 8.13
CA VAL B 128 3.79 12.44 9.61
C VAL B 128 4.81 11.34 9.87
N PRO B 129 5.78 11.52 10.77
CA PRO B 129 6.75 10.46 11.03
C PRO B 129 6.05 9.14 11.41
N GLY B 130 6.61 8.01 10.95
CA GLY B 130 6.03 6.72 11.26
C GLY B 130 5.95 6.45 12.76
N ARG B 131 6.89 6.96 13.51
CA ARG B 131 6.96 6.78 14.97
C ARG B 131 6.11 7.76 15.76
N VAL B 132 5.36 8.62 15.09
CA VAL B 132 4.36 9.51 15.73
C VAL B 132 2.97 8.90 15.49
N GLY B 133 2.10 9.01 16.48
CA GLY B 133 0.73 8.50 16.33
C GLY B 133 0.02 9.16 15.14
N GLY B 134 -0.83 8.39 14.49
CA GLY B 134 -1.66 8.89 13.39
C GLY B 134 -0.90 9.09 12.09
N SER B 135 0.16 8.30 11.84
CA SER B 135 0.99 8.48 10.62
C SER B 135 0.39 7.78 9.41
N ASP B 136 0.58 8.37 8.27
CA ASP B 136 0.31 7.80 6.93
C ASP B 136 1.36 6.81 6.47
N ALA B 137 2.46 6.64 7.21
CA ALA B 137 3.65 5.92 6.71
C ALA B 137 3.37 4.47 6.31
N ALA B 138 2.73 3.66 7.15
CA ALA B 138 2.57 2.23 6.85
C ALA B 138 1.68 2.02 5.62
N PHE B 139 0.60 2.78 5.50
CA PHE B 139 -0.25 2.74 4.31
C PHE B 139 0.60 3.12 3.09
N ASN B 140 1.37 4.20 3.20
CA ASN B 140 2.15 4.67 2.05
C ASN B 140 3.16 3.64 1.62
N ILE B 141 3.79 2.95 2.57
CA ILE B 141 4.77 1.89 2.23
C ILE B 141 4.07 0.74 1.50
N GLY B 142 2.94 0.26 1.98
CA GLY B 142 2.25 -0.83 1.27
C GLY B 142 1.83 -0.41 -0.14
N PHE B 143 1.27 0.80 -0.27
CA PHE B 143 0.82 1.30 -1.58
C PHE B 143 2.01 1.45 -2.52
N ALA B 144 3.12 1.98 -2.01
CA ALA B 144 4.30 2.22 -2.86
C ALA B 144 5.01 0.93 -3.24
N CYS B 145 5.03 -0.09 -2.39
CA CYS B 145 5.56 -1.40 -2.75
C CYS B 145 4.76 -1.99 -3.89
N ALA B 146 3.45 -1.98 -3.81
CA ALA B 146 2.63 -2.47 -4.92
C ALA B 146 2.90 -1.65 -6.16
N ALA B 147 2.94 -0.33 -6.08
CA ALA B 147 3.19 0.52 -7.24
C ALA B 147 4.53 0.16 -7.89
N ALA B 148 5.56 -0.04 -7.10
CA ALA B 148 6.89 -0.37 -7.68
C ALA B 148 6.84 -1.72 -8.39
N LEU B 149 6.05 -2.67 -7.94
CA LEU B 149 5.92 -3.98 -8.61
C LEU B 149 5.05 -3.89 -9.85
N MET B 150 4.05 -3.01 -9.89
CA MET B 150 2.98 -3.10 -10.89
C MET B 150 3.09 -2.07 -12.00
N LEU B 151 3.68 -0.92 -11.76
CA LEU B 151 3.70 0.14 -12.77
C LEU B 151 4.73 -0.20 -13.87
N ALA B 152 4.49 0.33 -15.04
CA ALA B 152 5.43 0.23 -16.18
C ALA B 152 6.70 0.98 -15.88
N PRO B 153 7.81 0.65 -16.53
CA PRO B 153 9.04 1.40 -16.33
C PRO B 153 8.86 2.91 -16.35
N GLY B 154 9.53 3.63 -15.46
CA GLY B 154 9.38 5.07 -15.29
C GLY B 154 9.71 5.44 -13.88
N VAL B 155 9.59 6.71 -13.56
CA VAL B 155 9.80 7.24 -12.21
C VAL B 155 8.49 7.86 -11.77
N TYR B 156 8.07 7.57 -10.55
CA TYR B 156 6.76 8.01 -10.03
C TYR B 156 6.92 8.46 -8.59
N ILE B 157 5.97 9.28 -8.12
CA ILE B 157 5.76 9.53 -6.69
C ILE B 157 4.47 8.86 -6.30
N ALA B 158 4.48 8.07 -5.23
CA ALA B 158 3.25 7.40 -4.74
C ALA B 158 2.99 7.96 -3.37
N MET B 159 1.97 8.80 -3.24
CA MET B 159 1.59 9.44 -1.97
C MET B 159 0.08 9.67 -2.04
N HIS B 160 -0.55 9.75 -0.87
CA HIS B 160 -1.99 10.12 -0.81
C HIS B 160 -2.87 9.14 -1.53
N GLY B 161 -2.42 7.88 -1.63
CA GLY B 161 -3.23 6.88 -2.31
C GLY B 161 -3.31 7.09 -3.83
N LYS B 162 -2.31 7.76 -4.37
CA LYS B 162 -2.26 8.23 -5.77
C LYS B 162 -0.86 8.04 -6.33
N VAL B 163 -0.80 7.91 -7.64
CA VAL B 163 0.45 7.94 -8.41
C VAL B 163 0.59 9.29 -9.13
N PHE B 164 1.70 9.96 -8.91
CA PHE B 164 2.00 11.26 -9.50
C PHE B 164 3.13 11.14 -10.51
N ASP B 165 2.98 11.88 -11.60
CA ASP B 165 4.05 12.06 -12.60
C ASP B 165 4.94 13.19 -12.12
N PRO B 166 6.22 12.92 -11.80
CA PRO B 166 7.07 13.96 -11.24
C PRO B 166 7.16 15.27 -12.03
N ALA B 167 7.19 15.17 -13.35
CA ALA B 167 7.29 16.35 -14.23
C ALA B 167 6.07 17.25 -14.09
N LYS B 168 4.94 16.72 -13.63
CA LYS B 168 3.64 17.43 -13.57
C LYS B 168 3.10 17.47 -12.13
N THR B 169 3.98 17.56 -11.13
CA THR B 169 3.56 17.51 -9.72
C THR B 169 4.30 18.59 -8.94
N ARG B 170 3.63 19.13 -7.94
CA ARG B 170 4.25 19.99 -6.92
CA ARG B 170 4.23 20.02 -6.93
C ARG B 170 3.64 19.64 -5.56
N MET B 171 4.37 19.94 -4.50
CA MET B 171 3.81 19.94 -3.14
C MET B 171 3.00 21.22 -2.96
N ASN B 172 1.72 21.12 -2.59
CA ASN B 172 0.89 22.29 -2.22
C ASN B 172 0.94 22.45 -0.71
N ARG B 173 1.71 23.40 -0.15
CA ARG B 173 1.91 23.51 1.32
C ARG B 173 0.58 23.95 1.95
N GLY B 174 -0.29 24.64 1.20
CA GLY B 174 -1.62 25.05 1.68
C GLY B 174 -2.51 23.86 1.96
N LEU B 175 -2.40 22.80 1.15
CA LEU B 175 -3.20 21.56 1.34
C LEU B 175 -2.47 20.51 2.17
N GLY B 176 -1.15 20.59 2.24
CA GLY B 176 -0.36 19.51 2.85
C GLY B 176 -0.37 18.26 2.00
N ARG B 177 -0.50 18.38 0.68
CA ARG B 177 -0.49 17.23 -0.24
C ARG B 177 0.21 17.63 -1.53
N PHE B 178 0.88 16.69 -2.18
CA PHE B 178 1.21 16.81 -3.60
C PHE B 178 -0.08 16.98 -4.39
N GLU B 179 0.04 17.72 -5.49
CA GLU B 179 -1.07 17.90 -6.46
C GLU B 179 -0.49 17.94 -7.86
N PRO B 180 -1.30 17.55 -8.84
CA PRO B 180 -0.88 17.70 -10.22
C PRO B 180 -0.75 19.18 -10.58
N ILE B 181 0.10 19.42 -11.57
CA ILE B 181 0.22 20.72 -12.28
C ILE B 181 -0.60 20.64 -13.57
CL CL C . -9.74 -14.52 21.53
C1 GOL D . -10.21 6.66 -4.24
O1 GOL D . -11.39 5.94 -4.51
C2 GOL D . -8.87 6.01 -4.22
O2 GOL D . -8.45 5.92 -5.58
C3 GOL D . -7.97 6.89 -3.38
O3 GOL D . -6.68 6.37 -3.09
C1 GOL E . -19.91 7.36 -0.42
O1 GOL E . -18.74 8.05 -0.85
C2 GOL E . -21.07 7.41 -1.40
O2 GOL E . -20.66 6.99 -2.71
C3 GOL E . -22.23 6.58 -0.94
O3 GOL E . -21.94 5.17 -0.97
CL CL F . 10.94 18.55 16.47
#